data_1NZJ
#
_entry.id   1NZJ
#
_cell.length_a   115.920
_cell.length_b   39.300
_cell.length_c   69.150
_cell.angle_alpha   90.00
_cell.angle_beta   116.19
_cell.angle_gamma   90.00
#
_symmetry.space_group_name_H-M   'C 1 2 1'
#
loop_
_entity.id
_entity.type
_entity.pdbx_description
1 polymer 'Hypothetical protein yadB'
2 non-polymer 'ZINC ION'
3 water water
#
_entity_poly.entity_id   1
_entity_poly.type   'polypeptide(L)'
_entity_poly.pdbx_seq_one_letter_code
;MTDTQYIGRFAPSPSGELHFGSLIAALGSYLQARARQGRWLVRIEDIDPPREVPGAAETILRQLEHYGLHWDGDVLWQSQ
RHDAYREALAWLHEQGLSYYCTCTRARIQSIGGIYDGHCRVLHHGPDNAAVRIRQQHPVTQFTDQLRGIIHADEKLARED
FIIHRRDGLFAYNLAVVVDDHFQGVTEIVRGADLIEPTVRQISLYQLFGWKVPDYIHLPLALNPQGAKLSKQNHAPALPK
GDPRPVLIAALQFLGQQAEAHWQDFSVEQILQSAVKNWRLTAVPESAIVNSTFSNASC
;
_entity_poly.pdbx_strand_id   A
#
loop_
_chem_comp.id
_chem_comp.type
_chem_comp.name
_chem_comp.formula
ZN non-polymer 'ZINC ION' 'Zn 2'
#
# COMPACT_ATOMS: atom_id res chain seq x y z
N THR A 4 -2.05 18.74 12.62
CA THR A 4 -0.86 17.83 12.62
C THR A 4 -0.26 17.73 11.22
N GLN A 5 1.05 17.51 11.16
CA GLN A 5 1.75 17.49 9.90
C GLN A 5 1.27 16.31 9.06
N TYR A 6 1.12 16.57 7.76
CA TYR A 6 0.88 15.53 6.76
C TYR A 6 2.01 14.52 6.79
N ILE A 7 1.67 13.21 6.77
CA ILE A 7 2.67 12.16 6.62
C ILE A 7 2.21 11.18 5.54
N GLY A 8 3.00 11.06 4.48
CA GLY A 8 2.76 10.11 3.40
C GLY A 8 3.90 9.12 3.27
N ARG A 9 3.76 8.13 2.39
CA ARG A 9 4.80 7.13 2.22
C ARG A 9 4.76 6.39 0.90
N PHE A 10 5.90 5.80 0.56
CA PHE A 10 6.05 4.86 -0.55
C PHE A 10 6.47 3.52 0.06
N ALA A 11 5.76 2.45 -0.29
CA ALA A 11 5.93 1.12 0.33
C ALA A 11 6.13 0.02 -0.75
N PRO A 12 7.32 -0.04 -1.33
CA PRO A 12 7.61 -1.00 -2.41
C PRO A 12 7.86 -2.44 -1.91
N SER A 13 7.47 -3.42 -2.74
CA SER A 13 7.76 -4.84 -2.49
C SER A 13 9.06 -5.21 -3.19
N PRO A 14 10.02 -5.80 -2.48
CA PRO A 14 11.31 -6.18 -3.08
C PRO A 14 11.26 -7.51 -3.83
N SER A 15 10.21 -7.71 -4.63
CA SER A 15 10.09 -8.86 -5.53
C SER A 15 10.71 -8.59 -6.91
N GLY A 16 11.10 -7.35 -7.12
CA GLY A 16 11.87 -6.91 -8.27
C GLY A 16 12.36 -5.48 -8.03
N GLU A 17 13.05 -4.90 -9.00
CA GLU A 17 13.45 -3.49 -8.88
C GLU A 17 12.31 -2.58 -9.33
N LEU A 18 12.48 -1.29 -9.11
CA LEU A 18 11.49 -0.31 -9.59
C LEU A 18 11.41 -0.33 -11.12
N HIS A 19 10.19 -0.23 -11.61
CA HIS A 19 9.87 -0.09 -13.02
C HIS A 19 9.04 1.19 -13.16
N PHE A 20 8.61 1.50 -14.38
CA PHE A 20 7.95 2.78 -14.65
C PHE A 20 6.68 2.92 -13.82
N GLY A 21 5.90 1.84 -13.71
CA GLY A 21 4.72 1.83 -12.88
C GLY A 21 4.95 2.18 -11.41
N SER A 22 5.98 1.61 -10.80
CA SER A 22 6.26 1.90 -9.38
C SER A 22 6.88 3.28 -9.19
N LEU A 23 7.62 3.77 -10.20
CA LEU A 23 8.10 5.15 -10.18
C LEU A 23 6.93 6.14 -10.13
N ILE A 24 5.87 5.88 -10.89
CA ILE A 24 4.67 6.73 -10.84
C ILE A 24 4.13 6.83 -9.41
N ALA A 25 4.02 5.68 -8.73
CA ALA A 25 3.52 5.66 -7.35
C ALA A 25 4.45 6.41 -6.41
N ALA A 26 5.77 6.20 -6.56
CA ALA A 26 6.74 6.91 -5.74
C ALA A 26 6.67 8.41 -5.97
N LEU A 27 6.66 8.81 -7.24
CA LEU A 27 6.68 10.22 -7.60
C LEU A 27 5.41 10.95 -7.16
N GLY A 28 4.25 10.35 -7.42
CA GLY A 28 3.01 10.96 -7.01
C GLY A 28 2.86 11.09 -5.50
N SER A 29 3.26 10.06 -4.76
CA SER A 29 3.24 10.14 -3.30
C SER A 29 4.19 11.20 -2.78
N TYR A 30 5.38 11.31 -3.39
CA TYR A 30 6.37 12.32 -3.03
C TYR A 30 5.85 13.72 -3.31
N LEU A 31 5.31 13.94 -4.50
CA LEU A 31 4.90 15.28 -4.88
C LEU A 31 3.74 15.80 -4.02
N GLN A 32 2.77 14.94 -3.78
CA GLN A 32 1.66 15.30 -2.91
C GLN A 32 2.13 15.61 -1.48
N ALA A 33 3.06 14.80 -0.95
CA ALA A 33 3.58 15.03 0.40
C ALA A 33 4.35 16.36 0.49
N ARG A 34 5.26 16.60 -0.45
CA ARG A 34 6.04 17.85 -0.45
C ARG A 34 5.17 19.09 -0.72
N ALA A 35 4.16 18.96 -1.58
CA ALA A 35 3.25 20.08 -1.85
C ALA A 35 2.45 20.46 -0.61
N ARG A 36 2.15 19.46 0.23
CA ARG A 36 1.44 19.64 1.50
C ARG A 36 2.38 19.96 2.69
N GLN A 37 3.65 20.26 2.41
CA GLN A 37 4.66 20.59 3.41
C GLN A 37 4.78 19.48 4.48
N GLY A 38 4.70 18.26 4.00
CA GLY A 38 4.67 17.09 4.88
C GLY A 38 5.92 16.23 4.86
N ARG A 39 5.87 15.16 5.64
CA ARG A 39 6.91 14.13 5.62
C ARG A 39 6.55 13.07 4.59
N TRP A 40 7.59 12.49 4.01
CA TRP A 40 7.48 11.39 3.05
C TRP A 40 8.44 10.29 3.46
N LEU A 41 7.88 9.15 3.83
CA LEU A 41 8.61 8.02 4.37
C LEU A 41 8.71 6.89 3.35
N VAL A 42 9.67 5.99 3.55
CA VAL A 42 9.82 4.76 2.76
C VAL A 42 9.76 3.52 3.67
N ARG A 43 8.94 2.55 3.29
CA ARG A 43 8.81 1.27 4.00
C ARG A 43 9.04 0.13 3.02
N ILE A 44 10.03 -0.73 3.28
CA ILE A 44 10.28 -1.89 2.44
C ILE A 44 9.35 -3.02 2.90
N GLU A 45 8.52 -3.50 1.98
CA GLU A 45 7.59 -4.57 2.32
C GLU A 45 8.28 -5.94 2.20
N ASP A 46 9.38 -6.15 2.91
CA ASP A 46 10.08 -7.44 2.91
C ASP A 46 9.52 -8.39 3.98
N ILE A 47 8.21 -8.60 3.89
CA ILE A 47 7.47 -9.36 4.88
C ILE A 47 7.70 -10.88 4.77
N ASP A 48 8.12 -11.34 3.60
CA ASP A 48 8.24 -12.78 3.25
C ASP A 48 9.57 -12.98 2.47
N PRO A 49 10.71 -12.81 3.14
CA PRO A 49 12.02 -12.78 2.46
C PRO A 49 12.40 -14.02 1.65
N PRO A 50 12.03 -15.23 2.07
CA PRO A 50 12.14 -16.40 1.21
C PRO A 50 11.49 -16.28 -0.19
N ARG A 51 10.44 -15.46 -0.34
CA ARG A 51 9.76 -15.28 -1.64
C ARG A 51 10.07 -13.92 -2.31
N GLU A 52 11.15 -13.27 -1.88
CA GLU A 52 11.59 -12.00 -2.45
C GLU A 52 13.01 -12.18 -2.95
N VAL A 53 13.60 -11.12 -3.51
CA VAL A 53 14.89 -11.26 -4.21
C VAL A 53 16.01 -10.62 -3.41
N PRO A 54 17.02 -11.38 -2.99
CA PRO A 54 18.19 -10.78 -2.35
C PRO A 54 18.74 -9.60 -3.17
N GLY A 55 19.00 -8.48 -2.52
CA GLY A 55 19.50 -7.28 -3.19
C GLY A 55 18.48 -6.31 -3.76
N ALA A 56 17.24 -6.75 -3.93
CA ALA A 56 16.23 -5.90 -4.57
C ALA A 56 15.90 -4.67 -3.73
N ALA A 57 15.76 -4.83 -2.42
CA ALA A 57 15.47 -3.67 -1.54
C ALA A 57 16.52 -2.58 -1.68
N GLU A 58 17.78 -2.97 -1.65
CA GLU A 58 18.89 -2.04 -1.76
C GLU A 58 18.89 -1.35 -3.13
N THR A 59 18.58 -2.10 -4.19
CA THR A 59 18.48 -1.53 -5.53
C THR A 59 17.40 -0.47 -5.57
N ILE A 60 16.25 -0.77 -4.97
CA ILE A 60 15.13 0.16 -4.96
C ILE A 60 15.52 1.47 -4.27
N LEU A 61 16.20 1.38 -3.13
CA LEU A 61 16.59 2.60 -2.41
C LEU A 61 17.56 3.44 -3.23
N ARG A 62 18.51 2.78 -3.89
CA ARG A 62 19.44 3.47 -4.78
C ARG A 62 18.75 4.12 -5.99
N GLN A 63 17.74 3.46 -6.54
CA GLN A 63 16.99 4.01 -7.66
C GLN A 63 16.23 5.27 -7.23
N LEU A 64 15.62 5.25 -6.05
CA LEU A 64 14.90 6.42 -5.55
C LEU A 64 15.87 7.59 -5.46
N GLU A 65 17.06 7.33 -4.94
CA GLU A 65 18.05 8.41 -4.80
C GLU A 65 18.49 8.94 -6.16
N HIS A 66 18.63 8.03 -7.14
CA HIS A 66 19.05 8.38 -8.50
C HIS A 66 18.03 9.31 -9.17
N TYR A 67 16.75 9.09 -8.88
CA TYR A 67 15.66 9.89 -9.43
C TYR A 67 15.31 11.10 -8.57
N GLY A 68 16.10 11.36 -7.54
CA GLY A 68 15.99 12.56 -6.70
C GLY A 68 14.95 12.51 -5.59
N LEU A 69 14.41 11.32 -5.32
CA LEU A 69 13.30 11.11 -4.39
C LEU A 69 13.82 10.68 -3.01
N HIS A 70 14.23 11.68 -2.24
CA HIS A 70 14.84 11.50 -0.93
C HIS A 70 13.78 11.53 0.17
N TRP A 71 13.85 10.53 1.04
CA TRP A 71 12.87 10.30 2.11
C TRP A 71 13.33 10.90 3.43
N ASP A 72 12.36 11.08 4.31
CA ASP A 72 12.62 11.55 5.67
C ASP A 72 12.75 10.39 6.64
N GLY A 73 13.62 10.55 7.62
CA GLY A 73 13.80 9.54 8.65
C GLY A 73 14.48 8.27 8.16
N ASP A 74 14.30 7.21 8.96
CA ASP A 74 14.83 5.90 8.64
C ASP A 74 13.83 5.10 7.82
N VAL A 75 14.34 4.25 6.96
CA VAL A 75 13.53 3.25 6.28
C VAL A 75 13.04 2.22 7.31
N LEU A 76 11.75 1.89 7.25
CA LEU A 76 11.15 0.81 8.05
C LEU A 76 11.15 -0.47 7.20
N TRP A 77 11.53 -1.59 7.81
CA TRP A 77 11.60 -2.88 7.13
C TRP A 77 10.56 -3.83 7.76
N GLN A 78 9.62 -4.34 6.96
CA GLN A 78 8.61 -5.28 7.47
C GLN A 78 9.21 -6.60 7.99
N SER A 79 10.40 -6.96 7.51
CA SER A 79 11.12 -8.12 8.06
C SER A 79 11.53 -7.94 9.51
N GLN A 80 11.56 -6.69 9.96
CA GLN A 80 11.86 -6.32 11.34
C GLN A 80 10.60 -5.95 12.14
N ARG A 81 9.43 -6.36 11.64
CA ARG A 81 8.15 -5.99 12.27
C ARG A 81 7.24 -7.19 12.61
N HIS A 82 7.72 -8.43 12.50
CA HIS A 82 6.84 -9.57 12.78
C HIS A 82 6.38 -9.59 14.25
N ASP A 83 7.20 -9.05 15.14
CA ASP A 83 6.80 -8.88 16.53
C ASP A 83 5.56 -8.00 16.69
N ALA A 84 5.50 -6.91 15.94
CA ALA A 84 4.36 -6.01 15.94
C ALA A 84 3.11 -6.66 15.38
N TYR A 85 3.26 -7.47 14.33
CA TYR A 85 2.11 -8.15 13.73
C TYR A 85 1.56 -9.20 14.69
N ARG A 86 2.46 -9.91 15.37
CA ARG A 86 2.09 -10.91 16.38
C ARG A 86 1.32 -10.27 17.53
N GLU A 87 1.78 -9.11 17.97
CA GLU A 87 1.12 -8.34 19.04
C GLU A 87 -0.30 -7.94 18.64
N ALA A 88 -0.46 -7.47 17.40
CA ALA A 88 -1.76 -7.06 16.89
C ALA A 88 -2.73 -8.25 16.79
N LEU A 89 -2.23 -9.38 16.33
CA LEU A 89 -3.01 -10.62 16.28
C LEU A 89 -3.47 -11.03 17.68
N ALA A 90 -2.58 -10.91 18.67
CA ALA A 90 -2.95 -11.30 20.04
C ALA A 90 -4.07 -10.41 20.56
N TRP A 91 -3.97 -9.11 20.31
CA TRP A 91 -4.98 -8.16 20.75
C TRP A 91 -6.34 -8.50 20.12
N LEU A 92 -6.35 -8.75 18.81
CA LEU A 92 -7.60 -9.06 18.12
C LEU A 92 -8.25 -10.30 18.71
N HIS A 93 -7.46 -11.34 18.98
CA HIS A 93 -8.03 -12.57 19.50
C HIS A 93 -8.60 -12.37 20.90
N GLU A 94 -7.84 -11.67 21.75
CA GLU A 94 -8.25 -11.39 23.12
C GLU A 94 -9.53 -10.55 23.16
N GLN A 95 -9.71 -9.68 22.17
CA GLN A 95 -10.85 -8.78 22.13
C GLN A 95 -12.10 -9.35 21.43
N GLY A 96 -12.05 -10.63 21.04
CA GLY A 96 -13.20 -11.28 20.42
C GLY A 96 -13.38 -10.97 18.95
N LEU A 97 -12.30 -10.56 18.30
CA LEU A 97 -12.32 -10.02 16.93
C LEU A 97 -11.66 -10.93 15.87
N SER A 98 -11.25 -12.13 16.27
CA SER A 98 -10.70 -13.10 15.30
C SER A 98 -11.02 -14.53 15.72
N TYR A 99 -10.83 -15.47 14.79
CA TYR A 99 -10.99 -16.88 15.08
C TYR A 99 -10.11 -17.75 14.18
N TYR A 100 -9.91 -19.00 14.59
CA TYR A 100 -9.09 -19.96 13.87
C TYR A 100 -9.94 -20.79 12.91
N CYS A 101 -9.51 -20.86 11.65
CA CYS A 101 -10.22 -21.57 10.59
C CYS A 101 -9.40 -22.76 10.07
N THR A 102 -10.01 -23.94 10.10
CA THR A 102 -9.33 -25.16 9.65
C THR A 102 -9.84 -25.64 8.29
N CYS A 103 -10.57 -24.78 7.58
CA CYS A 103 -11.11 -25.17 6.29
C CYS A 103 -10.02 -25.31 5.24
N THR A 104 -10.18 -26.28 4.33
CA THR A 104 -9.22 -26.48 3.27
C THR A 104 -9.43 -25.50 2.13
N ARG A 105 -8.38 -25.35 1.32
CA ARG A 105 -8.47 -24.60 0.08
C ARG A 105 -9.55 -25.19 -0.83
N ALA A 106 -9.65 -26.52 -0.89
CA ALA A 106 -10.66 -27.17 -1.72
C ALA A 106 -12.09 -26.81 -1.28
N ARG A 107 -12.34 -26.78 0.01
CA ARG A 107 -13.67 -26.42 0.50
C ARG A 107 -14.05 -25.01 0.06
N ILE A 108 -13.16 -24.05 0.26
CA ILE A 108 -13.44 -22.65 -0.08
C ILE A 108 -13.64 -22.51 -1.60
N GLN A 109 -12.82 -23.21 -2.37
CA GLN A 109 -12.95 -23.19 -3.84
C GLN A 109 -14.34 -23.72 -4.27
N SER A 110 -14.83 -24.76 -3.59
CA SER A 110 -16.09 -25.42 -3.94
C SER A 110 -17.32 -24.57 -3.72
N ILE A 111 -17.24 -23.59 -2.81
CA ILE A 111 -18.37 -22.71 -2.53
C ILE A 111 -18.29 -21.34 -3.22
N GLY A 112 -17.32 -21.17 -4.13
CA GLY A 112 -17.21 -19.97 -4.95
C GLY A 112 -16.06 -19.04 -4.63
N GLY A 113 -15.21 -19.45 -3.70
CA GLY A 113 -13.95 -18.75 -3.45
C GLY A 113 -14.01 -17.68 -2.37
N ILE A 114 -15.20 -17.37 -1.86
CA ILE A 114 -15.39 -16.41 -0.76
C ILE A 114 -15.91 -17.16 0.47
N TYR A 115 -15.21 -16.98 1.59
CA TYR A 115 -15.52 -17.70 2.82
C TYR A 115 -16.91 -17.40 3.35
N ASP A 116 -17.52 -18.41 3.97
CA ASP A 116 -18.88 -18.34 4.49
C ASP A 116 -19.01 -18.16 5.99
N GLY A 117 -17.89 -18.02 6.69
CA GLY A 117 -17.89 -17.93 8.14
C GLY A 117 -18.10 -19.23 8.89
N HIS A 118 -17.82 -20.36 8.25
CA HIS A 118 -17.97 -21.71 8.84
C HIS A 118 -17.42 -21.84 10.27
N CYS A 119 -16.18 -21.37 10.50
CA CYS A 119 -15.50 -21.58 11.77
C CYS A 119 -15.79 -20.48 12.83
N ARG A 120 -16.64 -19.52 12.48
CA ARG A 120 -16.88 -18.31 13.29
C ARG A 120 -17.31 -18.56 14.75
N VAL A 121 -18.07 -19.62 15.00
CA VAL A 121 -18.44 -19.98 16.38
C VAL A 121 -18.08 -21.41 16.79
N LEU A 122 -17.12 -22.01 16.08
CA LEU A 122 -16.66 -23.36 16.39
C LEU A 122 -15.54 -23.44 17.43
N HIS A 123 -14.89 -22.30 17.69
CA HIS A 123 -13.89 -22.19 18.75
C HIS A 123 -12.75 -23.24 18.58
N HIS A 124 -12.30 -23.45 17.33
CA HIS A 124 -11.07 -24.23 17.05
C HIS A 124 -9.84 -23.56 17.67
N GLY A 125 -8.83 -24.35 17.99
CA GLY A 125 -7.56 -23.84 18.47
C GLY A 125 -6.64 -23.45 17.32
N PRO A 126 -5.46 -22.93 17.65
CA PRO A 126 -4.52 -22.41 16.64
C PRO A 126 -3.83 -23.48 15.79
N ASP A 127 -3.82 -24.72 16.27
CA ASP A 127 -3.18 -25.87 15.59
C ASP A 127 -3.59 -26.08 14.14
N ASN A 128 -2.64 -25.86 13.21
CA ASN A 128 -2.86 -26.11 11.79
C ASN A 128 -4.08 -25.33 11.26
N ALA A 129 -4.13 -24.05 11.62
CA ALA A 129 -5.26 -23.19 11.27
C ALA A 129 -4.77 -21.86 10.70
N ALA A 130 -5.62 -21.23 9.90
CA ALA A 130 -5.49 -19.83 9.54
C ALA A 130 -6.21 -18.98 10.59
N VAL A 131 -5.91 -17.68 10.60
CA VAL A 131 -6.63 -16.72 11.45
C VAL A 131 -7.45 -15.84 10.53
N ARG A 132 -8.75 -15.73 10.83
CA ARG A 132 -9.64 -14.83 10.11
C ARG A 132 -10.17 -13.74 11.04
N ILE A 133 -10.37 -12.54 10.48
CA ILE A 133 -11.01 -11.44 11.20
C ILE A 133 -12.50 -11.76 11.33
N ARG A 134 -13.09 -11.35 12.46
CA ARG A 134 -14.51 -11.52 12.73
C ARG A 134 -15.15 -10.16 12.51
N GLN A 135 -15.60 -9.91 11.30
CA GLN A 135 -16.14 -8.59 10.97
C GLN A 135 -17.40 -8.34 11.76
N GLN A 136 -17.62 -7.07 12.08
CA GLN A 136 -18.83 -6.60 12.76
C GLN A 136 -19.70 -5.86 11.74
N HIS A 137 -19.22 -4.74 11.21
CA HIS A 137 -19.96 -3.97 10.21
C HIS A 137 -19.02 -3.68 9.04
N PRO A 138 -18.94 -4.57 8.05
CA PRO A 138 -17.99 -4.37 6.94
C PRO A 138 -18.20 -3.04 6.18
N VAL A 139 -17.09 -2.39 5.86
CA VAL A 139 -17.09 -1.21 5.01
C VAL A 139 -17.16 -1.68 3.56
N THR A 140 -18.07 -1.07 2.77
CA THR A 140 -18.22 -1.40 1.36
C THR A 140 -18.02 -0.24 0.37
N GLN A 141 -17.80 0.97 0.89
CA GLN A 141 -17.53 2.16 0.09
C GLN A 141 -16.46 3.02 0.80
N PHE A 142 -15.74 3.84 0.04
CA PHE A 142 -14.81 4.79 0.64
C PHE A 142 -14.62 6.04 -0.21
N THR A 143 -14.05 7.07 0.38
CA THR A 143 -13.70 8.30 -0.32
C THR A 143 -12.25 8.28 -0.79
N ASP A 144 -12.07 8.51 -2.09
CA ASP A 144 -10.76 8.73 -2.68
C ASP A 144 -10.65 10.24 -3.02
N GLN A 145 -9.56 10.89 -2.60
CA GLN A 145 -9.45 12.34 -2.77
C GLN A 145 -9.26 12.78 -4.21
N LEU A 146 -8.87 11.84 -5.08
CA LEU A 146 -8.80 12.06 -6.53
C LEU A 146 -10.07 11.60 -7.24
N ARG A 147 -10.52 10.38 -6.95
CA ARG A 147 -11.55 9.70 -7.76
C ARG A 147 -12.99 9.89 -7.27
N GLY A 148 -13.15 10.42 -6.04
CA GLY A 148 -14.46 10.50 -5.42
C GLY A 148 -14.85 9.26 -4.67
N ILE A 149 -16.15 9.03 -4.51
CA ILE A 149 -16.63 7.87 -3.76
C ILE A 149 -16.58 6.60 -4.62
N ILE A 150 -15.96 5.56 -4.06
CA ILE A 150 -15.79 4.28 -4.71
C ILE A 150 -16.64 3.22 -4.03
N HIS A 151 -17.38 2.46 -4.84
CA HIS A 151 -18.18 1.33 -4.38
C HIS A 151 -17.43 0.03 -4.64
N ALA A 152 -17.11 -0.68 -3.57
CA ALA A 152 -16.35 -1.92 -3.63
C ALA A 152 -17.25 -3.12 -3.94
N ASP A 153 -16.62 -4.21 -4.36
CA ASP A 153 -17.26 -5.52 -4.52
C ASP A 153 -17.83 -5.94 -3.16
N GLU A 154 -19.15 -6.04 -3.03
CA GLU A 154 -19.78 -6.25 -1.72
C GLU A 154 -19.47 -7.61 -1.08
N LYS A 155 -19.47 -8.68 -1.87
CA LYS A 155 -19.20 -10.00 -1.34
C LYS A 155 -17.77 -10.09 -0.80
N LEU A 156 -16.81 -9.58 -1.57
CA LEU A 156 -15.43 -9.57 -1.10
C LEU A 156 -15.27 -8.67 0.11
N ALA A 157 -15.95 -7.53 0.12
CA ALA A 157 -15.83 -6.58 1.23
C ALA A 157 -16.31 -7.15 2.57
N ARG A 158 -17.33 -8.01 2.50
CA ARG A 158 -18.01 -8.55 3.69
C ARG A 158 -17.43 -9.86 4.23
N GLU A 159 -16.46 -10.43 3.53
CA GLU A 159 -15.80 -11.67 3.98
C GLU A 159 -15.06 -11.50 5.29
N ASP A 160 -15.13 -12.54 6.14
CA ASP A 160 -14.20 -12.71 7.27
C ASP A 160 -12.87 -13.13 6.67
N PHE A 161 -12.10 -12.14 6.22
CA PHE A 161 -10.89 -12.37 5.46
C PHE A 161 -9.71 -12.87 6.32
N ILE A 162 -8.75 -13.50 5.66
CA ILE A 162 -7.55 -14.01 6.31
C ILE A 162 -6.64 -12.88 6.79
N ILE A 163 -6.20 -12.96 8.05
CA ILE A 163 -5.20 -12.03 8.57
C ILE A 163 -3.88 -12.72 8.95
N HIS A 164 -3.89 -14.04 9.06
CA HIS A 164 -2.65 -14.81 9.22
C HIS A 164 -2.87 -16.13 8.50
N ARG A 165 -2.01 -16.42 7.55
CA ARG A 165 -2.21 -17.59 6.71
C ARG A 165 -1.84 -18.87 7.45
N ARG A 166 -2.43 -19.98 7.00
CA ARG A 166 -2.18 -21.30 7.58
C ARG A 166 -0.72 -21.71 7.43
N ASP A 167 -0.06 -21.25 6.37
CA ASP A 167 1.37 -21.52 6.16
C ASP A 167 2.31 -20.60 6.96
N GLY A 168 1.73 -19.67 7.73
CA GLY A 168 2.47 -18.84 8.67
C GLY A 168 2.82 -17.44 8.20
N LEU A 169 2.47 -17.09 6.97
CA LEU A 169 2.71 -15.74 6.47
C LEU A 169 1.70 -14.72 7.02
N PHE A 170 2.16 -13.55 7.41
CA PHE A 170 1.25 -12.48 7.85
C PHE A 170 0.61 -11.86 6.62
N ALA A 171 -0.68 -11.56 6.70
CA ALA A 171 -1.41 -11.03 5.57
C ALA A 171 -1.10 -9.55 5.32
N TYR A 172 -1.00 -9.20 4.04
CA TYR A 172 -0.80 -7.83 3.62
C TYR A 172 -1.77 -6.84 4.31
N ASN A 173 -3.06 -7.18 4.32
CA ASN A 173 -4.07 -6.28 4.85
C ASN A 173 -3.83 -5.96 6.33
N LEU A 174 -3.36 -6.95 7.08
CA LEU A 174 -2.98 -6.73 8.49
C LEU A 174 -1.74 -5.83 8.61
N ALA A 175 -0.68 -6.20 7.90
CA ALA A 175 0.60 -5.52 8.06
C ALA A 175 0.57 -4.05 7.60
N VAL A 176 -0.16 -3.77 6.53
CA VAL A 176 -0.23 -2.39 6.02
C VAL A 176 -0.90 -1.44 7.03
N VAL A 177 -1.97 -1.92 7.67
CA VAL A 177 -2.69 -1.11 8.67
C VAL A 177 -1.83 -0.91 9.93
N VAL A 178 -1.27 -1.99 10.44
CA VAL A 178 -0.42 -1.91 11.62
C VAL A 178 0.77 -0.96 11.39
N ASP A 179 1.41 -1.05 10.22
CA ASP A 179 2.60 -0.24 9.98
C ASP A 179 2.28 1.21 9.62
N ASP A 180 1.25 1.45 8.80
CA ASP A 180 0.87 2.84 8.51
C ASP A 180 0.46 3.55 9.80
N HIS A 181 -0.30 2.88 10.66
CA HIS A 181 -0.63 3.44 11.97
C HIS A 181 0.62 3.74 12.81
N PHE A 182 1.54 2.77 12.90
CA PHE A 182 2.78 2.93 13.66
C PHE A 182 3.58 4.14 13.19
N GLN A 183 3.67 4.34 11.89
CA GLN A 183 4.46 5.43 11.29
C GLN A 183 3.70 6.78 11.25
N GLY A 184 2.46 6.81 11.71
CA GLY A 184 1.69 8.05 11.75
C GLY A 184 1.14 8.53 10.41
N VAL A 185 1.03 7.62 9.44
CA VAL A 185 0.61 7.99 8.10
C VAL A 185 -0.80 8.60 8.10
N THR A 186 -0.91 9.79 7.51
CA THR A 186 -2.21 10.49 7.39
C THR A 186 -2.90 10.38 6.03
N GLU A 187 -2.12 10.09 4.99
CA GLU A 187 -2.67 9.93 3.63
C GLU A 187 -1.85 8.89 2.89
N ILE A 188 -2.54 7.97 2.24
CA ILE A 188 -1.96 6.87 1.47
C ILE A 188 -2.19 7.15 0.00
N VAL A 189 -1.08 7.41 -0.72
CA VAL A 189 -1.11 7.69 -2.16
C VAL A 189 -0.43 6.49 -2.82
N ARG A 190 -1.21 5.72 -3.58
CA ARG A 190 -0.73 4.45 -4.14
C ARG A 190 -1.39 4.14 -5.47
N GLY A 191 -1.04 3.01 -6.09
CA GLY A 191 -1.63 2.66 -7.38
C GLY A 191 -3.05 2.09 -7.33
N ALA A 192 -3.77 2.19 -8.45
CA ALA A 192 -5.16 1.74 -8.54
C ALA A 192 -5.36 0.24 -8.41
N ASP A 193 -4.27 -0.51 -8.53
CA ASP A 193 -4.38 -1.94 -8.25
C ASP A 193 -4.81 -2.27 -6.79
N LEU A 194 -4.61 -1.33 -5.86
CA LEU A 194 -5.00 -1.50 -4.45
C LEU A 194 -6.36 -0.91 -4.05
N ILE A 195 -7.18 -0.52 -5.03
CA ILE A 195 -8.50 0.03 -4.73
C ILE A 195 -9.34 -0.97 -3.94
N GLU A 196 -9.47 -2.21 -4.41
CA GLU A 196 -10.43 -3.11 -3.79
C GLU A 196 -10.08 -3.51 -2.36
N PRO A 197 -8.83 -3.84 -2.05
CA PRO A 197 -8.48 -4.11 -0.65
C PRO A 197 -8.68 -2.92 0.32
N THR A 198 -8.75 -1.70 -0.18
CA THR A 198 -8.93 -0.53 0.69
C THR A 198 -10.06 -0.70 1.71
N VAL A 199 -11.22 -1.15 1.26
CA VAL A 199 -12.34 -1.23 2.20
C VAL A 199 -12.09 -2.23 3.34
N ARG A 200 -11.41 -3.34 3.06
CA ARG A 200 -11.03 -4.29 4.11
C ARG A 200 -10.05 -3.67 5.10
N GLN A 201 -9.08 -2.89 4.60
CA GLN A 201 -8.15 -2.17 5.46
C GLN A 201 -8.84 -1.14 6.35
N ILE A 202 -9.79 -0.39 5.78
CA ILE A 202 -10.58 0.56 6.59
C ILE A 202 -11.37 -0.18 7.67
N SER A 203 -11.99 -1.30 7.31
CA SER A 203 -12.69 -2.13 8.31
C SER A 203 -11.76 -2.49 9.47
N LEU A 204 -10.52 -2.85 9.16
CA LEU A 204 -9.54 -3.19 10.19
C LEU A 204 -9.15 -1.98 11.07
N TYR A 205 -8.94 -0.80 10.48
CA TYR A 205 -8.68 0.41 11.27
C TYR A 205 -9.80 0.61 12.29
N GLN A 206 -11.05 0.40 11.84
CA GLN A 206 -12.21 0.62 12.70
C GLN A 206 -12.26 -0.39 13.84
N LEU A 207 -11.92 -1.64 13.56
CA LEU A 207 -11.90 -2.67 14.59
C LEU A 207 -10.80 -2.44 15.64
N PHE A 208 -9.66 -1.87 15.22
CA PHE A 208 -8.58 -1.50 16.15
C PHE A 208 -8.91 -0.22 16.95
N GLY A 209 -9.88 0.58 16.49
CA GLY A 209 -10.19 1.86 17.11
C GLY A 209 -9.24 2.99 16.73
N TRP A 210 -8.73 2.93 15.51
CA TRP A 210 -7.70 3.83 15.02
C TRP A 210 -8.25 4.81 13.97
N LYS A 211 -7.63 5.98 13.86
CA LYS A 211 -8.00 7.01 12.89
C LYS A 211 -7.73 6.52 11.47
N VAL A 212 -8.74 6.61 10.62
CA VAL A 212 -8.64 6.17 9.24
C VAL A 212 -7.97 7.27 8.41
N PRO A 213 -6.92 6.94 7.64
CA PRO A 213 -6.24 7.92 6.79
C PRO A 213 -7.06 8.31 5.56
N ASP A 214 -6.62 9.33 4.85
CA ASP A 214 -7.14 9.64 3.51
C ASP A 214 -6.45 8.75 2.46
N TYR A 215 -7.09 8.62 1.31
CA TYR A 215 -6.63 7.76 0.21
C TYR A 215 -6.65 8.49 -1.13
N ILE A 216 -5.60 8.27 -1.92
CA ILE A 216 -5.54 8.64 -3.34
C ILE A 216 -4.99 7.46 -4.14
N HIS A 217 -5.75 7.00 -5.14
CA HIS A 217 -5.30 5.92 -6.01
C HIS A 217 -4.97 6.46 -7.40
N LEU A 218 -3.69 6.44 -7.73
CA LEU A 218 -3.16 6.93 -8.99
C LEU A 218 -3.41 5.93 -10.11
N PRO A 219 -3.51 6.38 -11.36
CA PRO A 219 -3.65 5.45 -12.47
C PRO A 219 -2.46 4.49 -12.56
N LEU A 220 -2.70 3.25 -12.97
CA LEU A 220 -1.66 2.25 -13.13
C LEU A 220 -1.06 2.33 -14.53
N ALA A 221 0.26 2.42 -14.62
CA ALA A 221 0.98 2.40 -15.89
C ALA A 221 1.23 0.95 -16.27
N LEU A 222 0.73 0.54 -17.43
CA LEU A 222 0.83 -0.84 -17.89
C LEU A 222 1.55 -0.92 -19.23
N ASN A 223 2.46 -1.89 -19.35
CA ASN A 223 3.23 -2.19 -20.57
C ASN A 223 2.95 -1.29 -21.77
N ALA A 237 12.78 -2.58 -15.95
CA ALA A 237 13.45 -1.86 -14.87
C ALA A 237 13.80 -0.44 -15.30
N LEU A 238 13.87 0.49 -14.36
CA LEU A 238 14.21 1.88 -14.69
C LEU A 238 15.63 1.98 -15.24
N PRO A 239 15.86 2.85 -16.23
CA PRO A 239 17.20 3.05 -16.77
C PRO A 239 18.25 3.42 -15.71
N LYS A 240 19.46 2.89 -15.88
CA LYS A 240 20.59 3.18 -15.01
C LYS A 240 21.22 4.53 -15.32
N GLY A 241 21.05 4.99 -16.56
CA GLY A 241 21.67 6.20 -17.06
C GLY A 241 20.85 7.43 -16.71
N ASP A 242 20.75 8.37 -17.66
CA ASP A 242 20.11 9.68 -17.43
C ASP A 242 18.65 9.53 -17.02
N PRO A 243 18.33 9.84 -15.77
CA PRO A 243 16.96 9.70 -15.26
C PRO A 243 15.99 10.80 -15.73
N ARG A 244 16.49 11.91 -16.25
CA ARG A 244 15.64 13.05 -16.55
C ARG A 244 14.49 12.79 -17.54
N PRO A 245 14.74 12.23 -18.71
CA PRO A 245 13.63 11.96 -19.63
C PRO A 245 12.57 11.03 -19.05
N VAL A 246 12.99 10.08 -18.20
CA VAL A 246 12.04 9.17 -17.55
C VAL A 246 11.18 9.92 -16.52
N LEU A 247 11.79 10.83 -15.75
CA LEU A 247 11.06 11.67 -14.81
C LEU A 247 10.05 12.55 -15.54
N ILE A 248 10.48 13.15 -16.65
CA ILE A 248 9.58 13.99 -17.44
C ILE A 248 8.38 13.17 -17.96
N ALA A 249 8.64 11.96 -18.45
CA ALA A 249 7.57 11.06 -18.91
C ALA A 249 6.60 10.70 -17.78
N ALA A 250 7.11 10.51 -16.56
CA ALA A 250 6.28 10.21 -15.40
C ALA A 250 5.42 11.42 -15.00
N LEU A 251 5.99 12.64 -15.07
CA LEU A 251 5.23 13.85 -14.81
C LEU A 251 4.09 14.01 -15.81
N GLN A 252 4.38 13.78 -17.10
CA GLN A 252 3.34 13.80 -18.13
C GLN A 252 2.25 12.77 -17.86
N PHE A 253 2.64 11.57 -17.45
CA PHE A 253 1.68 10.49 -17.15
C PHE A 253 0.70 10.94 -16.07
N LEU A 254 1.23 11.67 -15.09
CA LEU A 254 0.44 12.20 -13.97
C LEU A 254 -0.27 13.53 -14.29
N GLY A 255 -0.30 13.92 -15.56
CA GLY A 255 -1.00 15.12 -15.99
C GLY A 255 -0.36 16.45 -15.62
N GLN A 256 0.92 16.41 -15.26
CA GLN A 256 1.63 17.59 -14.77
C GLN A 256 2.43 18.23 -15.90
N GLN A 257 2.76 19.51 -15.73
CA GLN A 257 3.63 20.21 -16.67
C GLN A 257 4.90 19.39 -16.86
N ALA A 258 5.33 19.27 -18.12
CA ALA A 258 6.41 18.37 -18.52
C ALA A 258 7.41 19.16 -19.35
N GLU A 259 8.46 19.64 -18.67
CA GLU A 259 9.48 20.53 -19.24
C GLU A 259 10.09 20.00 -20.53
N ALA A 260 10.08 20.86 -21.55
CA ALA A 260 10.57 20.55 -22.90
C ALA A 260 12.07 20.38 -22.96
N HIS A 261 12.78 21.32 -22.37
CA HIS A 261 14.23 21.41 -22.41
C HIS A 261 14.83 20.91 -21.11
N TRP A 262 14.56 19.64 -20.80
CA TRP A 262 15.04 19.02 -19.56
C TRP A 262 16.55 18.94 -19.47
N GLN A 263 17.24 19.02 -20.62
CA GLN A 263 18.70 18.94 -20.68
C GLN A 263 19.39 20.12 -19.95
N ASP A 264 18.67 21.23 -19.78
CA ASP A 264 19.18 22.45 -19.13
C ASP A 264 19.01 22.46 -17.62
N PHE A 265 18.45 21.38 -17.05
CA PHE A 265 18.14 21.33 -15.61
C PHE A 265 18.61 20.03 -14.98
N SER A 266 18.89 20.06 -13.69
CA SER A 266 19.15 18.84 -12.93
C SER A 266 17.84 18.19 -12.51
N VAL A 267 17.92 16.91 -12.15
CA VAL A 267 16.79 16.19 -11.54
C VAL A 267 16.19 17.00 -10.38
N GLU A 268 17.06 17.54 -9.55
CA GLU A 268 16.62 18.26 -8.36
C GLU A 268 15.80 19.51 -8.73
N GLN A 269 16.24 20.23 -9.75
CA GLN A 269 15.51 21.40 -10.24
C GLN A 269 14.14 21.03 -10.84
N ILE A 270 14.12 19.95 -11.61
CA ILE A 270 12.89 19.46 -12.19
C ILE A 270 11.87 19.08 -11.09
N LEU A 271 12.32 18.40 -10.06
CA LEU A 271 11.42 18.05 -8.94
C LEU A 271 10.95 19.26 -8.14
N GLN A 272 11.83 20.22 -7.90
CA GLN A 272 11.46 21.41 -7.13
C GLN A 272 10.35 22.16 -7.83
N SER A 273 10.46 22.29 -9.15
CA SER A 273 9.41 22.93 -9.93
C SER A 273 8.13 22.08 -9.96
N ALA A 274 8.27 20.75 -10.05
CA ALA A 274 7.09 19.87 -10.02
C ALA A 274 6.32 19.96 -8.71
N VAL A 275 7.01 20.13 -7.59
CA VAL A 275 6.35 20.35 -6.30
C VAL A 275 5.56 21.67 -6.32
N LYS A 276 6.20 22.76 -6.77
CA LYS A 276 5.53 24.06 -6.90
C LYS A 276 4.29 24.01 -7.80
N ASN A 277 4.36 23.20 -8.86
CA ASN A 277 3.31 23.14 -9.86
C ASN A 277 2.36 21.94 -9.70
N TRP A 278 2.47 21.22 -8.59
CA TRP A 278 1.67 20.00 -8.40
C TRP A 278 0.18 20.34 -8.33
N ARG A 279 -0.60 19.66 -9.18
CA ARG A 279 -2.06 19.82 -9.22
C ARG A 279 -2.69 18.43 -9.21
N LEU A 280 -3.22 18.03 -8.06
CA LEU A 280 -3.86 16.71 -7.92
C LEU A 280 -5.02 16.55 -8.91
N THR A 281 -5.80 17.61 -9.13
CA THR A 281 -6.97 17.51 -10.01
C THR A 281 -6.60 17.23 -11.49
N ALA A 282 -5.35 17.49 -11.87
CA ALA A 282 -4.87 17.21 -13.21
C ALA A 282 -4.46 15.75 -13.45
N VAL A 283 -4.34 14.96 -12.38
CA VAL A 283 -4.01 13.54 -12.51
C VAL A 283 -5.18 12.79 -13.18
N PRO A 284 -4.92 11.98 -14.20
CA PRO A 284 -6.00 11.18 -14.82
C PRO A 284 -6.72 10.27 -13.84
N GLU A 285 -8.03 10.11 -14.02
CA GLU A 285 -8.87 9.30 -13.15
C GLU A 285 -9.15 7.90 -13.71
N SER A 286 -8.52 7.54 -14.82
CA SER A 286 -8.60 6.18 -15.34
C SER A 286 -7.94 5.22 -14.35
N ALA A 287 -8.42 3.98 -14.27
CA ALA A 287 -7.76 2.99 -13.43
C ALA A 287 -6.43 2.56 -14.05
N ILE A 288 -6.41 2.47 -15.37
CA ILE A 288 -5.26 1.95 -16.11
C ILE A 288 -4.97 2.86 -17.30
N VAL A 289 -3.68 3.11 -17.55
CA VAL A 289 -3.24 3.80 -18.76
C VAL A 289 -2.13 3.01 -19.41
ZN ZN B . -13.15 -22.38 8.45
#